data_1XFS
#
_entry.id   1XFS
#
_cell.length_a   43.390
_cell.length_b   63.197
_cell.length_c   65.514
_cell.angle_alpha   90.00
_cell.angle_beta   97.87
_cell.angle_gamma   90.00
#
_symmetry.space_group_name_H-M   'P 1 21 1'
#
loop_
_entity.id
_entity.type
_entity.pdbx_description
1 polymer 'conserved hypothetical protein'
2 water water
#
_entity_poly.entity_id   1
_entity_poly.type   'polypeptide(L)'
_entity_poly.pdbx_seq_one_letter_code
;MSTTPIDAELDL(MSE)LKRELAVPVNLVWRGLTEPELLKKWFVPKPWSISDCRVDLRPGGEFYTV(MSE)QDPEGNKFP
NSGCFLEVTDEKRLIWTSALVKNYRPAVPATTSDKECAHIV(MSE)TAVIELQPTSSGTRYTACA(MSE)HNTPGQRKLH
EE(MSE)GFHEGWGTTITQLEELLKQEKAYLEHHHHHH
;
_entity_poly.pdbx_strand_id   A,B
#
# COMPACT_ATOMS: atom_id res chain seq x y z
N ILE A 6 8.41 10.90 11.79
CA ILE A 6 8.47 11.83 10.63
C ILE A 6 9.91 11.94 10.12
N ASP A 7 10.07 11.85 8.80
CA ASP A 7 11.39 11.94 8.19
C ASP A 7 11.51 13.25 7.44
N ALA A 8 12.29 14.19 7.98
CA ALA A 8 12.46 15.50 7.37
C ALA A 8 13.07 15.42 5.98
N GLU A 9 13.73 14.31 5.67
CA GLU A 9 14.38 14.13 4.39
C GLU A 9 13.41 13.66 3.30
N LEU A 10 12.36 12.95 3.70
CA LEU A 10 11.41 12.41 2.74
C LEU A 10 9.96 12.86 2.87
N ASP A 11 9.60 13.46 4.00
CA ASP A 11 8.22 13.85 4.22
C ASP A 11 7.94 15.34 4.33
N LEU A 12 6.74 15.72 3.93
CA LEU A 12 6.30 17.11 4.02
C LEU A 12 5.01 17.08 4.84
N MSE A 13 4.91 17.96 5.82
CA MSE A 13 3.73 17.99 6.68
C MSE A 13 3.01 19.34 6.67
O MSE A 13 3.61 20.38 6.41
CB MSE A 13 4.12 17.63 8.11
CG MSE A 13 2.93 17.43 9.06
SE MSE A 13 3.41 16.89 10.85
CE MSE A 13 3.41 18.62 11.69
N LEU A 14 1.72 19.30 6.96
CA LEU A 14 0.88 20.49 7.01
C LEU A 14 -0.15 20.33 8.13
N LYS A 15 -0.21 21.30 9.04
CA LYS A 15 -1.19 21.23 10.13
C LYS A 15 -2.11 22.43 10.08
N ARG A 16 -3.41 22.20 10.19
CA ARG A 16 -4.39 23.28 10.15
C ARG A 16 -5.53 23.05 11.13
N GLU A 17 -6.20 24.14 11.53
CA GLU A 17 -7.32 24.05 12.45
C GLU A 17 -8.56 24.53 11.69
N LEU A 18 -9.57 23.67 11.57
CA LEU A 18 -10.80 24.02 10.87
C LEU A 18 -11.95 24.15 11.86
N ALA A 19 -12.72 25.23 11.72
CA ALA A 19 -13.86 25.47 12.61
C ALA A 19 -15.09 24.70 12.10
N VAL A 20 -14.91 23.40 11.97
CA VAL A 20 -15.96 22.50 11.50
C VAL A 20 -15.81 21.19 12.27
N PRO A 21 -16.93 20.53 12.59
CA PRO A 21 -16.91 19.26 13.32
C PRO A 21 -16.23 18.15 12.52
N VAL A 22 -15.64 17.19 13.22
CA VAL A 22 -14.92 16.09 12.60
C VAL A 22 -15.75 15.25 11.65
N ASN A 23 -17.04 15.06 11.97
CA ASN A 23 -17.89 14.25 11.12
C ASN A 23 -18.02 14.89 9.73
N LEU A 24 -18.14 16.22 9.69
CA LEU A 24 -18.27 16.92 8.42
C LEU A 24 -16.96 16.90 7.64
N VAL A 25 -15.85 17.11 8.35
CA VAL A 25 -14.54 17.12 7.70
C VAL A 25 -14.32 15.75 7.06
N TRP A 26 -14.67 14.70 7.78
CA TRP A 26 -14.50 13.36 7.25
C TRP A 26 -15.28 13.19 5.95
N ARG A 27 -16.50 13.70 5.90
CA ARG A 27 -17.29 13.57 4.68
C ARG A 27 -16.62 14.34 3.54
N GLY A 28 -16.04 15.49 3.85
CA GLY A 28 -15.37 16.27 2.83
C GLY A 28 -14.17 15.54 2.24
N LEU A 29 -13.50 14.75 3.05
CA LEU A 29 -12.33 13.99 2.61
C LEU A 29 -12.63 12.71 1.87
N THR A 30 -13.86 12.21 2.03
CA THR A 30 -14.22 10.93 1.44
C THR A 30 -15.36 10.86 0.42
N GLU A 31 -16.14 11.94 0.29
CA GLU A 31 -17.25 11.93 -0.66
C GLU A 31 -16.90 12.65 -1.97
N PRO A 32 -16.91 11.91 -3.09
CA PRO A 32 -16.58 12.49 -4.40
C PRO A 32 -17.30 13.81 -4.70
N GLU A 33 -18.61 13.87 -4.41
CA GLU A 33 -19.38 15.08 -4.65
C GLU A 33 -18.81 16.30 -3.95
N LEU A 34 -18.12 16.08 -2.82
CA LEU A 34 -17.50 17.16 -2.07
C LEU A 34 -16.04 17.34 -2.50
N LEU A 35 -15.34 16.22 -2.65
CA LEU A 35 -13.95 16.23 -3.07
C LEU A 35 -13.73 17.05 -4.34
N LYS A 36 -14.60 16.89 -5.32
CA LYS A 36 -14.41 17.61 -6.57
C LYS A 36 -14.54 19.12 -6.44
N LYS A 37 -14.90 19.59 -5.25
CA LYS A 37 -15.05 21.03 -5.04
C LYS A 37 -13.96 21.68 -4.19
N TRP A 38 -12.92 20.94 -3.82
CA TRP A 38 -11.86 21.51 -2.99
C TRP A 38 -10.50 20.83 -3.10
N PHE A 39 -10.50 19.57 -3.51
CA PHE A 39 -9.29 18.75 -3.60
C PHE A 39 -8.13 19.37 -4.37
N VAL A 40 -8.42 20.20 -5.36
CA VAL A 40 -7.38 20.85 -6.12
C VAL A 40 -7.54 22.36 -5.98
N PRO A 41 -6.40 23.08 -5.91
CA PRO A 41 -6.42 24.54 -5.76
C PRO A 41 -6.80 25.23 -7.05
N LYS A 42 -7.81 26.10 -6.99
CA LYS A 42 -8.26 26.85 -8.15
C LYS A 42 -7.07 27.64 -8.69
N PRO A 43 -7.09 28.03 -9.98
CA PRO A 43 -8.15 27.78 -10.96
C PRO A 43 -8.30 26.32 -11.41
N TRP A 44 -7.43 25.44 -10.91
CA TRP A 44 -7.51 24.03 -11.26
C TRP A 44 -8.87 23.49 -10.84
N SER A 45 -9.27 22.39 -11.46
CA SER A 45 -10.57 21.80 -11.14
C SER A 45 -10.53 20.28 -11.31
N ILE A 46 -11.61 19.62 -10.91
CA ILE A 46 -11.72 18.17 -11.03
C ILE A 46 -12.80 17.81 -12.03
N SER A 47 -12.41 17.07 -13.06
CA SER A 47 -13.32 16.66 -14.12
C SER A 47 -14.04 15.35 -13.81
N ASP A 48 -13.48 14.60 -12.87
CA ASP A 48 -14.07 13.33 -12.48
C ASP A 48 -13.43 12.87 -11.17
N CYS A 49 -14.18 12.13 -10.38
CA CYS A 49 -13.69 11.61 -9.11
C CYS A 49 -14.49 10.37 -8.73
N ARG A 50 -13.77 9.26 -8.54
CA ARG A 50 -14.38 7.99 -8.17
C ARG A 50 -13.69 7.54 -6.88
N VAL A 51 -14.50 7.13 -5.90
CA VAL A 51 -13.99 6.68 -4.62
C VAL A 51 -14.62 5.37 -4.14
N ASP A 52 -13.78 4.38 -3.84
CA ASP A 52 -14.23 3.09 -3.28
C ASP A 52 -13.52 3.15 -1.93
N LEU A 53 -14.22 3.65 -0.91
CA LEU A 53 -13.65 3.87 0.43
C LEU A 53 -13.45 2.63 1.29
N ARG A 54 -12.35 1.94 1.04
CA ARG A 54 -11.98 0.75 1.77
C ARG A 54 -10.53 0.44 1.42
N PRO A 55 -9.83 -0.28 2.29
CA PRO A 55 -8.43 -0.64 2.03
C PRO A 55 -8.42 -1.45 0.74
N GLY A 56 -7.57 -1.05 -0.21
CA GLY A 56 -7.51 -1.74 -1.48
C GLY A 56 -8.45 -1.13 -2.51
N GLY A 57 -9.23 -0.14 -2.07
CA GLY A 57 -10.18 0.52 -2.95
C GLY A 57 -9.55 1.63 -3.78
N GLU A 58 -10.05 1.80 -5.00
CA GLU A 58 -9.51 2.81 -5.89
C GLU A 58 -9.91 4.24 -5.54
N PHE A 59 -8.96 5.16 -5.70
CA PHE A 59 -9.17 6.58 -5.49
C PHE A 59 -8.76 7.16 -6.85
N TYR A 60 -9.75 7.44 -7.70
CA TYR A 60 -9.53 7.95 -9.04
C TYR A 60 -10.00 9.39 -9.20
N THR A 61 -9.16 10.21 -9.80
CA THR A 61 -9.52 11.61 -10.02
C THR A 61 -8.94 12.11 -11.33
N VAL A 62 -9.63 13.04 -11.97
CA VAL A 62 -9.15 13.62 -13.21
C VAL A 62 -8.99 15.10 -12.94
N MSE A 63 -7.74 15.57 -12.93
CA MSE A 63 -7.44 16.97 -12.69
C MSE A 63 -7.28 17.74 -14.00
O MSE A 63 -6.70 17.23 -14.96
CB MSE A 63 -6.16 17.08 -11.88
CG MSE A 63 -6.25 16.48 -10.47
SE MSE A 63 -4.52 16.39 -9.63
CE MSE A 63 -4.17 18.27 -9.46
N GLN A 64 -7.79 18.96 -14.02
CA GLN A 64 -7.69 19.80 -15.21
C GLN A 64 -6.99 21.10 -14.81
N ASP A 65 -5.91 21.42 -15.52
CA ASP A 65 -5.17 22.64 -15.22
C ASP A 65 -5.80 23.84 -15.94
N PRO A 66 -5.34 25.06 -15.65
CA PRO A 66 -5.93 26.23 -16.33
C PRO A 66 -5.74 26.22 -17.83
N GLU A 67 -4.77 25.42 -18.30
CA GLU A 67 -4.50 25.32 -19.73
C GLU A 67 -5.50 24.41 -20.43
N GLY A 68 -6.28 23.67 -19.64
CA GLY A 68 -7.27 22.77 -20.21
C GLY A 68 -6.82 21.33 -20.31
N ASN A 69 -5.60 21.05 -19.88
CA ASN A 69 -5.07 19.70 -19.93
C ASN A 69 -5.65 18.86 -18.80
N LYS A 70 -6.00 17.61 -19.12
CA LYS A 70 -6.57 16.69 -18.14
C LYS A 70 -5.52 15.67 -17.73
N PHE A 71 -5.45 15.39 -16.43
CA PHE A 71 -4.49 14.42 -15.92
C PHE A 71 -5.19 13.40 -15.04
N PRO A 72 -5.43 12.19 -15.57
CA PRO A 72 -6.09 11.15 -14.79
C PRO A 72 -5.14 10.65 -13.70
N ASN A 73 -5.62 10.63 -12.46
CA ASN A 73 -4.82 10.18 -11.32
C ASN A 73 -5.47 8.92 -10.75
N SER A 74 -4.66 7.92 -10.46
CA SER A 74 -5.18 6.67 -9.91
C SER A 74 -4.39 6.29 -8.66
N GLY A 75 -5.10 6.10 -7.56
CA GLY A 75 -4.46 5.74 -6.32
C GLY A 75 -5.19 4.62 -5.62
N CYS A 76 -4.71 4.25 -4.44
CA CYS A 76 -5.30 3.16 -3.67
C CYS A 76 -5.40 3.52 -2.19
N PHE A 77 -6.54 3.26 -1.55
CA PHE A 77 -6.66 3.54 -0.13
C PHE A 77 -5.93 2.42 0.65
N LEU A 78 -5.25 2.79 1.72
CA LEU A 78 -4.51 1.83 2.52
C LEU A 78 -5.09 1.67 3.92
N GLU A 79 -5.65 2.75 4.45
CA GLU A 79 -6.27 2.72 5.76
C GLU A 79 -7.44 3.68 5.77
N VAL A 80 -8.55 3.21 6.34
CA VAL A 80 -9.75 4.02 6.46
C VAL A 80 -10.26 3.83 7.88
N THR A 81 -9.87 4.75 8.76
CA THR A 81 -10.30 4.68 10.15
C THR A 81 -11.24 5.87 10.30
N ASP A 82 -12.53 5.58 10.27
CA ASP A 82 -13.57 6.61 10.32
C ASP A 82 -13.33 7.80 11.25
N GLU A 83 -13.40 8.98 10.65
CA GLU A 83 -13.22 10.27 11.32
C GLU A 83 -11.92 10.38 12.12
N LYS A 84 -10.93 9.59 11.73
CA LYS A 84 -9.66 9.60 12.44
C LYS A 84 -8.44 9.60 11.53
N ARG A 85 -8.36 8.62 10.65
CA ARG A 85 -7.20 8.54 9.77
C ARG A 85 -7.53 8.00 8.38
N LEU A 86 -7.01 8.68 7.36
CA LEU A 86 -7.20 8.28 5.98
C LEU A 86 -5.83 8.23 5.34
N ILE A 87 -5.52 7.11 4.69
CA ILE A 87 -4.22 6.97 4.03
C ILE A 87 -4.44 6.44 2.64
N TRP A 88 -3.87 7.12 1.64
CA TRP A 88 -3.97 6.64 0.26
C TRP A 88 -2.61 6.80 -0.38
N THR A 89 -2.35 6.04 -1.43
CA THR A 89 -1.05 6.11 -2.08
C THR A 89 -1.19 6.11 -3.59
N SER A 90 -0.24 6.73 -4.28
CA SER A 90 -0.27 6.73 -5.74
C SER A 90 0.74 5.70 -6.23
N ALA A 91 1.40 5.02 -5.30
CA ALA A 91 2.38 3.99 -5.66
C ALA A 91 1.64 2.70 -6.03
N LEU A 92 0.38 2.63 -5.64
CA LEU A 92 -0.47 1.47 -5.93
C LEU A 92 -1.79 1.94 -6.50
N VAL A 93 -2.44 1.07 -7.25
CA VAL A 93 -3.75 1.38 -7.82
C VAL A 93 -4.75 0.39 -7.25
N LYS A 94 -5.93 0.28 -7.87
CA LYS A 94 -6.97 -0.61 -7.38
C LYS A 94 -6.47 -2.01 -7.00
N ASN A 95 -7.00 -2.53 -5.89
CA ASN A 95 -6.68 -3.86 -5.39
C ASN A 95 -5.20 -4.03 -5.01
N TYR A 96 -4.54 -2.91 -4.70
CA TYR A 96 -3.13 -2.90 -4.28
C TYR A 96 -2.12 -3.22 -5.38
N ARG A 97 -2.52 -3.09 -6.64
CA ARG A 97 -1.62 -3.36 -7.76
C ARG A 97 -0.54 -2.30 -7.88
N PRO A 98 0.72 -2.70 -8.10
CA PRO A 98 1.77 -1.69 -8.24
C PRO A 98 1.41 -0.76 -9.41
N ALA A 99 1.62 0.54 -9.24
CA ALA A 99 1.30 1.50 -10.28
C ALA A 99 2.26 1.41 -11.48
N VAL A 100 1.79 1.84 -12.64
CA VAL A 100 2.64 1.81 -13.82
C VAL A 100 3.69 2.91 -13.71
N PRO A 101 4.98 2.54 -13.81
CA PRO A 101 6.08 3.50 -13.73
C PRO A 101 6.22 4.36 -14.98
N VAL A 113 5.24 10.33 -7.08
CA VAL A 113 4.69 9.21 -6.31
C VAL A 113 4.66 9.58 -4.83
N MSE A 114 3.54 9.35 -4.16
CA MSE A 114 3.47 9.70 -2.76
C MSE A 114 2.44 8.88 -1.99
O MSE A 114 1.58 8.23 -2.59
CB MSE A 114 3.10 11.17 -2.60
CG MSE A 114 1.69 11.50 -3.10
SE MSE A 114 1.06 13.26 -2.55
CE MSE A 114 0.94 14.12 -4.28
N THR A 115 2.56 8.91 -0.67
CA THR A 115 1.57 8.28 0.18
C THR A 115 1.16 9.41 1.10
N ALA A 116 -0.14 9.65 1.16
CA ALA A 116 -0.69 10.71 1.98
C ALA A 116 -1.32 10.14 3.23
N VAL A 117 -1.00 10.73 4.37
CA VAL A 117 -1.58 10.29 5.62
C VAL A 117 -2.30 11.51 6.17
N ILE A 118 -3.59 11.37 6.37
CA ILE A 118 -4.41 12.45 6.88
C ILE A 118 -4.94 12.06 8.25
N GLU A 119 -4.64 12.85 9.27
CA GLU A 119 -5.12 12.55 10.61
C GLU A 119 -6.03 13.65 11.12
N LEU A 120 -7.14 13.25 11.74
CA LEU A 120 -8.09 14.23 12.27
C LEU A 120 -8.24 14.07 13.77
N GLN A 121 -8.46 15.20 14.45
CA GLN A 121 -8.62 15.17 15.89
C GLN A 121 -9.64 16.24 16.25
N PRO A 122 -10.74 15.85 16.90
CA PRO A 122 -11.73 16.87 17.26
C PRO A 122 -11.17 17.80 18.34
N THR A 123 -11.56 19.07 18.27
CA THR A 123 -11.12 20.07 19.24
C THR A 123 -12.37 20.74 19.80
N SER A 124 -12.18 21.68 20.72
CA SER A 124 -13.33 22.35 21.31
C SER A 124 -14.07 23.26 20.33
N SER A 125 -13.38 23.71 19.29
CA SER A 125 -13.99 24.60 18.31
C SER A 125 -14.14 23.99 16.92
N GLY A 126 -13.54 22.82 16.70
CA GLY A 126 -13.66 22.21 15.38
C GLY A 126 -12.87 20.94 15.22
N THR A 127 -11.99 20.92 14.21
CA THR A 127 -11.17 19.74 13.96
C THR A 127 -9.74 20.12 13.62
N ARG A 128 -8.80 19.38 14.20
CA ARG A 128 -7.39 19.62 13.93
C ARG A 128 -7.05 18.70 12.76
N TYR A 129 -6.56 19.29 11.68
CA TYR A 129 -6.21 18.56 10.46
C TYR A 129 -4.71 18.49 10.26
N THR A 130 -4.19 17.28 10.10
CA THR A 130 -2.77 17.10 9.90
C THR A 130 -2.58 16.25 8.64
N ALA A 131 -1.83 16.77 7.67
CA ALA A 131 -1.58 16.04 6.43
C ALA A 131 -0.08 15.86 6.20
N CYS A 132 0.32 14.62 5.91
CA CYS A 132 1.72 14.33 5.67
C CYS A 132 1.84 13.61 4.33
N ALA A 133 2.74 14.09 3.49
CA ALA A 133 2.97 13.49 2.18
C ALA A 133 4.32 12.79 2.27
N MSE A 134 4.31 11.47 2.10
CA MSE A 134 5.52 10.66 2.18
C MSE A 134 6.10 10.40 0.80
O MSE A 134 5.38 10.01 -0.12
CB MSE A 134 5.20 9.31 2.85
CG MSE A 134 4.57 9.41 4.21
SE MSE A 134 4.04 7.64 4.83
CE MSE A 134 5.72 7.06 5.46
N HIS A 135 7.40 10.62 0.64
CA HIS A 135 8.05 10.41 -0.64
C HIS A 135 9.08 9.30 -0.54
N ASN A 136 9.55 8.82 -1.69
CA ASN A 136 10.52 7.73 -1.71
C ASN A 136 11.97 8.16 -1.62
N THR A 137 12.26 9.40 -2.01
CA THR A 137 13.63 9.92 -1.98
C THR A 137 13.66 11.40 -1.66
N PRO A 138 14.82 11.91 -1.21
CA PRO A 138 14.92 13.34 -0.88
C PRO A 138 14.67 14.20 -2.12
N GLY A 139 15.14 13.72 -3.27
CA GLY A 139 14.94 14.44 -4.52
C GLY A 139 13.48 14.64 -4.88
N GLN A 140 12.68 13.62 -4.58
CA GLN A 140 11.25 13.68 -4.84
C GLN A 140 10.59 14.63 -3.85
N ARG A 141 11.05 14.60 -2.60
CA ARG A 141 10.50 15.48 -1.56
C ARG A 141 10.79 16.93 -1.97
N LYS A 142 12.03 17.18 -2.37
CA LYS A 142 12.47 18.51 -2.78
C LYS A 142 11.66 18.96 -4.00
N LEU A 143 11.45 18.04 -4.94
CA LEU A 143 10.69 18.33 -6.15
C LEU A 143 9.27 18.76 -5.82
N HIS A 144 8.65 18.08 -4.86
CA HIS A 144 7.29 18.41 -4.47
C HIS A 144 7.25 19.83 -3.88
N GLU A 145 8.31 20.19 -3.16
CA GLU A 145 8.38 21.53 -2.58
C GLU A 145 8.44 22.56 -3.70
N GLU A 146 9.25 22.28 -4.71
CA GLU A 146 9.39 23.18 -5.86
C GLU A 146 8.15 23.12 -6.72
N MSE A 147 7.22 22.24 -6.37
CA MSE A 147 5.99 22.08 -7.11
C MSE A 147 4.86 22.87 -6.44
O MSE A 147 3.73 22.91 -6.94
CB MSE A 147 5.61 20.60 -7.18
CG MSE A 147 4.88 20.19 -8.45
SE MSE A 147 6.05 20.25 -9.99
CE MSE A 147 6.85 18.50 -9.81
N GLY A 148 5.16 23.49 -5.30
CA GLY A 148 4.16 24.26 -4.59
C GLY A 148 3.32 23.44 -3.64
N PHE A 149 3.94 22.49 -2.95
CA PHE A 149 3.22 21.63 -2.01
C PHE A 149 2.58 22.43 -0.87
N HIS A 150 3.40 23.17 -0.13
CA HIS A 150 2.90 23.94 0.99
C HIS A 150 1.77 24.89 0.59
N GLU A 151 2.01 25.71 -0.44
CA GLU A 151 0.98 26.64 -0.90
C GLU A 151 -0.23 25.91 -1.45
N GLY A 152 0.03 24.95 -2.33
CA GLY A 152 -1.04 24.19 -2.94
C GLY A 152 -1.93 23.49 -1.94
N TRP A 153 -1.33 22.63 -1.12
CA TRP A 153 -2.09 21.91 -0.10
C TRP A 153 -2.76 22.87 0.87
N GLY A 154 -2.05 23.95 1.22
CA GLY A 154 -2.62 24.92 2.14
C GLY A 154 -3.89 25.53 1.57
N THR A 155 -3.88 25.81 0.27
CA THR A 155 -5.03 26.38 -0.40
C THR A 155 -6.19 25.40 -0.44
N THR A 156 -5.91 24.12 -0.64
CA THR A 156 -6.99 23.13 -0.71
C THR A 156 -7.70 23.03 0.63
N ILE A 157 -6.95 23.12 1.73
CA ILE A 157 -7.57 23.03 3.05
C ILE A 157 -8.47 24.24 3.28
N THR A 158 -8.06 25.40 2.78
CA THR A 158 -8.86 26.61 2.94
C THR A 158 -10.16 26.44 2.16
N GLN A 159 -10.07 25.85 0.97
CA GLN A 159 -11.25 25.63 0.15
C GLN A 159 -12.17 24.63 0.82
N LEU A 160 -11.58 23.64 1.50
CA LEU A 160 -12.35 22.63 2.19
C LEU A 160 -13.19 23.25 3.31
N GLU A 161 -12.53 24.03 4.16
CA GLU A 161 -13.23 24.66 5.28
C GLU A 161 -14.34 25.57 4.77
N GLU A 162 -14.07 26.28 3.68
CA GLU A 162 -15.07 27.17 3.10
C GLU A 162 -16.29 26.42 2.59
N LEU A 163 -16.03 25.26 1.98
CA LEU A 163 -17.10 24.42 1.43
C LEU A 163 -18.01 23.85 2.51
N LEU A 164 -17.41 23.26 3.54
CA LEU A 164 -18.16 22.65 4.62
C LEU A 164 -19.00 23.64 5.41
N LYS A 165 -18.53 24.87 5.53
CA LYS A 165 -19.28 25.88 6.27
C LYS A 165 -20.57 26.29 5.57
N GLN A 166 -20.54 26.37 4.25
CA GLN A 166 -21.72 26.76 3.49
C GLN A 166 -22.66 25.61 3.14
N GLU A 167 -22.13 24.40 3.14
CA GLU A 167 -22.94 23.22 2.83
C GLU A 167 -23.34 22.55 4.14
N LYS A 168 -22.84 23.09 5.25
CA LYS A 168 -23.12 22.55 6.58
C LYS A 168 -24.60 22.31 6.85
N ALA A 169 -25.42 23.32 6.58
CA ALA A 169 -26.86 23.20 6.80
C ALA A 169 -27.45 22.02 6.03
N TYR A 170 -27.17 21.95 4.73
CA TYR A 170 -27.67 20.87 3.89
C TYR A 170 -27.09 19.53 4.34
N THR B 4 -10.72 -11.16 -5.51
CA THR B 4 -10.97 -10.54 -6.83
C THR B 4 -10.26 -11.29 -7.95
N PRO B 5 -10.83 -11.27 -9.17
CA PRO B 5 -10.26 -11.96 -10.34
C PRO B 5 -8.91 -11.37 -10.73
N ILE B 6 -7.94 -12.24 -11.00
CA ILE B 6 -6.63 -11.78 -11.38
C ILE B 6 -6.60 -11.36 -12.85
N ASP B 7 -5.60 -10.56 -13.19
CA ASP B 7 -5.42 -10.07 -14.55
C ASP B 7 -4.35 -10.98 -15.15
N ALA B 8 -4.77 -11.91 -16.01
CA ALA B 8 -3.85 -12.86 -16.62
C ALA B 8 -2.62 -12.28 -17.30
N GLU B 9 -2.70 -11.01 -17.67
CA GLU B 9 -1.59 -10.35 -18.34
C GLU B 9 -0.55 -9.77 -17.40
N LEU B 10 -0.94 -9.52 -16.15
CA LEU B 10 -0.05 -8.92 -15.18
C LEU B 10 0.18 -9.74 -13.91
N ASP B 11 -0.64 -10.77 -13.72
CA ASP B 11 -0.58 -11.58 -12.51
C ASP B 11 -0.16 -13.03 -12.67
N LEU B 12 0.58 -13.53 -11.68
CA LEU B 12 1.01 -14.93 -11.69
C LEU B 12 0.37 -15.61 -10.50
N MSE B 13 -0.15 -16.83 -10.72
CA MSE B 13 -0.82 -17.57 -9.65
C MSE B 13 -0.12 -18.88 -9.32
O MSE B 13 0.45 -19.53 -10.20
CB MSE B 13 -2.28 -17.86 -10.03
CG MSE B 13 -3.31 -16.94 -9.37
SE MSE B 13 -5.00 -17.87 -9.02
CE MSE B 13 -5.82 -17.75 -10.77
N LEU B 14 -0.18 -19.26 -8.05
CA LEU B 14 0.41 -20.50 -7.59
C LEU B 14 -0.60 -21.15 -6.64
N LYS B 15 -1.01 -22.36 -6.98
CA LYS B 15 -1.97 -23.10 -6.15
C LYS B 15 -1.32 -24.41 -5.72
N ARG B 16 -1.34 -24.69 -4.43
CA ARG B 16 -0.75 -25.93 -3.92
C ARG B 16 -1.47 -26.43 -2.69
N GLU B 17 -1.51 -27.75 -2.54
CA GLU B 17 -2.15 -28.38 -1.39
C GLU B 17 -1.05 -28.79 -0.42
N LEU B 18 -1.12 -28.29 0.80
CA LEU B 18 -0.13 -28.61 1.82
C LEU B 18 -0.76 -29.55 2.86
N ALA B 19 -0.12 -30.69 3.08
CA ALA B 19 -0.61 -31.67 4.05
C ALA B 19 -0.23 -31.25 5.47
N VAL B 20 -0.57 -30.01 5.81
CA VAL B 20 -0.28 -29.44 7.11
C VAL B 20 -1.47 -28.58 7.52
N PRO B 21 -1.75 -28.48 8.83
CA PRO B 21 -2.88 -27.67 9.33
C PRO B 21 -2.65 -26.17 9.10
N VAL B 22 -3.75 -25.45 8.87
CA VAL B 22 -3.71 -24.02 8.58
C VAL B 22 -2.95 -23.16 9.59
N ASN B 23 -3.01 -23.52 10.87
CA ASN B 23 -2.30 -22.74 11.87
C ASN B 23 -0.80 -22.78 11.64
N LEU B 24 -0.29 -23.93 11.19
CA LEU B 24 1.14 -24.04 10.93
C LEU B 24 1.54 -23.29 9.67
N VAL B 25 0.70 -23.36 8.65
CA VAL B 25 0.99 -22.64 7.41
C VAL B 25 1.09 -21.15 7.74
N TRP B 26 0.15 -20.67 8.55
CA TRP B 26 0.15 -19.26 8.94
C TRP B 26 1.44 -18.91 9.68
N ARG B 27 1.87 -19.78 10.60
CA ARG B 27 3.10 -19.50 11.34
C ARG B 27 4.28 -19.42 10.35
N GLY B 28 4.33 -20.35 9.40
CA GLY B 28 5.40 -20.35 8.41
C GLY B 28 5.47 -19.07 7.59
N LEU B 29 4.31 -18.48 7.30
CA LEU B 29 4.24 -17.26 6.51
C LEU B 29 4.51 -15.98 7.30
N THR B 30 4.47 -16.06 8.62
CA THR B 30 4.58 -14.86 9.45
C THR B 30 5.67 -14.78 10.52
N GLU B 31 6.31 -15.91 10.83
CA GLU B 31 7.35 -15.91 11.86
C GLU B 31 8.74 -15.89 11.24
N PRO B 32 9.52 -14.83 11.50
CA PRO B 32 10.87 -14.68 10.95
C PRO B 32 11.73 -15.95 11.06
N GLU B 33 11.70 -16.61 12.22
CA GLU B 33 12.50 -17.81 12.42
C GLU B 33 12.18 -18.87 11.36
N LEU B 34 10.91 -19.00 11.00
CA LEU B 34 10.50 -19.97 10.00
C LEU B 34 10.77 -19.46 8.59
N LEU B 35 10.37 -18.22 8.32
CA LEU B 35 10.57 -17.61 7.01
C LEU B 35 12.00 -17.74 6.50
N LYS B 36 12.97 -17.56 7.39
CA LYS B 36 14.37 -17.67 6.98
C LYS B 36 14.78 -19.06 6.53
N LYS B 37 13.89 -20.04 6.70
CA LYS B 37 14.23 -21.40 6.30
C LYS B 37 13.47 -21.96 5.09
N TRP B 38 12.74 -21.12 4.38
CA TRP B 38 12.00 -21.60 3.21
C TRP B 38 11.65 -20.53 2.17
N PHE B 39 11.60 -19.28 2.61
CA PHE B 39 11.23 -18.17 1.74
C PHE B 39 12.03 -18.03 0.44
N VAL B 40 13.28 -18.46 0.45
CA VAL B 40 14.10 -18.38 -0.76
C VAL B 40 14.65 -19.74 -1.16
N PRO B 41 14.70 -20.00 -2.47
CA PRO B 41 15.22 -21.29 -2.95
C PRO B 41 16.73 -21.38 -2.81
N LYS B 42 17.21 -22.46 -2.19
CA LYS B 42 18.64 -22.64 -2.02
C LYS B 42 19.26 -22.83 -3.40
N PRO B 43 20.59 -22.66 -3.54
CA PRO B 43 21.58 -22.30 -2.53
C PRO B 43 21.35 -20.98 -1.81
N TRP B 44 20.39 -20.19 -2.28
CA TRP B 44 20.11 -18.90 -1.64
C TRP B 44 19.67 -19.12 -0.19
N SER B 45 19.90 -18.11 0.64
CA SER B 45 19.53 -18.18 2.05
C SER B 45 19.15 -16.80 2.58
N ILE B 46 18.62 -16.77 3.80
CA ILE B 46 18.21 -15.53 4.44
C ILE B 46 18.95 -15.39 5.76
N SER B 47 19.82 -14.40 5.86
CA SER B 47 20.61 -14.18 7.06
C SER B 47 19.88 -13.35 8.10
N ASP B 48 18.87 -12.59 7.68
CA ASP B 48 18.12 -11.76 8.61
C ASP B 48 16.69 -11.55 8.10
N CYS B 49 15.75 -11.47 9.04
CA CYS B 49 14.36 -11.26 8.68
C CYS B 49 13.64 -10.54 9.81
N ARG B 50 12.88 -9.52 9.44
CA ARG B 50 12.12 -8.73 10.39
C ARG B 50 10.69 -8.68 9.89
N VAL B 51 9.74 -8.90 10.80
CA VAL B 51 8.33 -8.86 10.45
C VAL B 51 7.54 -8.13 11.53
N ASP B 52 6.83 -7.09 11.13
CA ASP B 52 5.95 -6.34 12.01
C ASP B 52 4.61 -6.70 11.38
N LEU B 53 3.96 -7.74 11.91
CA LEU B 53 2.71 -8.24 11.32
C LEU B 53 1.45 -7.41 11.56
N ARG B 54 1.31 -6.35 10.77
CA ARG B 54 0.17 -5.45 10.84
C ARG B 54 0.18 -4.60 9.57
N PRO B 55 -0.98 -4.05 9.19
CA PRO B 55 -1.02 -3.21 7.99
C PRO B 55 -0.08 -2.03 8.22
N GLY B 56 0.84 -1.80 7.28
CA GLY B 56 1.80 -0.72 7.41
C GLY B 56 3.09 -1.21 8.05
N GLY B 57 3.12 -2.47 8.46
CA GLY B 57 4.30 -3.02 9.10
C GLY B 57 5.38 -3.44 8.13
N GLU B 58 6.64 -3.34 8.54
CA GLU B 58 7.73 -3.71 7.66
C GLU B 58 7.88 -5.23 7.51
N PHE B 59 8.31 -5.62 6.32
CA PHE B 59 8.61 -7.01 6.02
C PHE B 59 10.02 -6.83 5.46
N TYR B 60 11.02 -7.16 6.26
CA TYR B 60 12.41 -7.01 5.87
C TYR B 60 13.16 -8.34 5.81
N THR B 61 13.94 -8.53 4.76
CA THR B 61 14.72 -9.75 4.61
C THR B 61 16.10 -9.45 4.03
N VAL B 62 17.08 -10.27 4.39
CA VAL B 62 18.43 -10.12 3.88
C VAL B 62 18.82 -11.42 3.18
N MSE B 63 18.82 -11.38 1.85
CA MSE B 63 19.18 -12.54 1.05
C MSE B 63 20.69 -12.68 1.02
O MSE B 63 21.42 -11.69 0.90
CB MSE B 63 18.65 -12.35 -0.37
CG MSE B 63 17.87 -13.52 -0.92
SE MSE B 63 16.43 -12.92 -2.05
CE MSE B 63 17.43 -12.64 -3.69
N GLN B 64 21.18 -13.92 1.14
CA GLN B 64 22.61 -14.18 1.14
C GLN B 64 22.97 -15.38 0.27
N ASP B 65 24.15 -15.32 -0.34
CA ASP B 65 24.62 -16.40 -1.19
C ASP B 65 25.76 -17.15 -0.51
N PRO B 66 26.13 -18.34 -1.03
CA PRO B 66 27.22 -19.12 -0.42
C PRO B 66 28.53 -18.35 -0.32
N GLU B 67 28.59 -17.23 -1.05
CA GLU B 67 29.78 -16.39 -1.05
C GLU B 67 29.81 -15.54 0.21
N GLY B 68 28.65 -15.07 0.64
CA GLY B 68 28.56 -14.24 1.83
C GLY B 68 27.95 -12.90 1.51
N ASN B 69 27.72 -12.66 0.22
CA ASN B 69 27.14 -11.41 -0.26
C ASN B 69 25.70 -11.27 0.21
N LYS B 70 25.36 -10.10 0.73
CA LYS B 70 24.02 -9.84 1.22
C LYS B 70 23.20 -8.95 0.29
N PHE B 71 21.90 -9.17 0.27
CA PHE B 71 20.99 -8.40 -0.55
C PHE B 71 19.74 -8.02 0.24
N PRO B 72 19.72 -6.82 0.84
CA PRO B 72 18.57 -6.38 1.63
C PRO B 72 17.32 -6.15 0.76
N ASN B 73 16.17 -6.51 1.31
CA ASN B 73 14.90 -6.33 0.61
C ASN B 73 13.88 -5.82 1.63
N SER B 74 13.19 -4.73 1.28
CA SER B 74 12.18 -4.17 2.17
C SER B 74 10.81 -4.13 1.53
N GLY B 75 9.80 -4.51 2.30
CA GLY B 75 8.43 -4.53 1.83
C GLY B 75 7.52 -4.02 2.92
N CYS B 76 6.21 -4.06 2.67
CA CYS B 76 5.23 -3.56 3.63
C CYS B 76 3.98 -4.43 3.62
N PHE B 77 3.45 -4.75 4.79
CA PHE B 77 2.22 -5.55 4.88
C PHE B 77 1.03 -4.62 4.63
N LEU B 78 0.04 -5.12 3.91
CA LEU B 78 -1.14 -4.32 3.60
C LEU B 78 -2.41 -4.87 4.25
N GLU B 79 -2.47 -6.18 4.38
CA GLU B 79 -3.62 -6.83 5.01
C GLU B 79 -3.18 -8.07 5.76
N VAL B 80 -3.69 -8.23 6.98
CA VAL B 80 -3.38 -9.38 7.82
C VAL B 80 -4.68 -9.91 8.41
N THR B 81 -5.16 -11.01 7.85
CA THR B 81 -6.39 -11.63 8.30
C THR B 81 -6.01 -13.02 8.79
N ASP B 82 -5.87 -13.16 10.11
CA ASP B 82 -5.44 -14.39 10.77
C ASP B 82 -5.85 -15.72 10.13
N GLU B 83 -4.84 -16.47 9.68
CA GLU B 83 -5.01 -17.78 9.05
C GLU B 83 -5.94 -17.81 7.83
N LYS B 84 -6.11 -16.65 7.21
CA LYS B 84 -7.01 -16.56 6.06
C LYS B 84 -6.41 -15.83 4.86
N ARG B 85 -5.82 -14.65 5.10
CA ARG B 85 -5.27 -13.89 4.00
C ARG B 85 -4.13 -13.00 4.45
N LEU B 86 -3.10 -12.93 3.63
CA LEU B 86 -1.95 -12.11 3.90
C LEU B 86 -1.59 -11.38 2.64
N ILE B 87 -1.44 -10.06 2.74
CA ILE B 87 -1.07 -9.27 1.58
C ILE B 87 0.09 -8.36 1.93
N TRP B 88 1.14 -8.40 1.11
CA TRP B 88 2.29 -7.52 1.31
C TRP B 88 2.73 -7.04 -0.06
N THR B 89 3.52 -5.97 -0.09
CA THR B 89 3.97 -5.41 -1.35
C THR B 89 5.39 -4.92 -1.25
N SER B 90 6.09 -4.90 -2.39
CA SER B 90 7.44 -4.37 -2.43
C SER B 90 7.41 -2.98 -3.07
N ALA B 91 6.22 -2.49 -3.39
CA ALA B 91 6.07 -1.15 -3.99
C ALA B 91 6.05 -0.10 -2.89
N LEU B 92 5.92 -0.57 -1.65
CA LEU B 92 5.93 0.29 -0.47
C LEU B 92 6.84 -0.37 0.56
N VAL B 93 7.34 0.45 1.47
CA VAL B 93 8.17 -0.06 2.55
C VAL B 93 7.49 0.33 3.86
N LYS B 94 8.20 0.18 4.97
CA LYS B 94 7.66 0.48 6.29
C LYS B 94 6.79 1.74 6.35
N ASN B 95 5.65 1.61 7.03
CA ASN B 95 4.70 2.70 7.22
C ASN B 95 4.06 3.22 5.93
N TYR B 96 3.99 2.36 4.92
CA TYR B 96 3.38 2.67 3.62
C TYR B 96 4.16 3.68 2.78
N ARG B 97 5.44 3.88 3.09
CA ARG B 97 6.26 4.80 2.33
C ARG B 97 6.52 4.25 0.93
N PRO B 98 6.42 5.09 -0.11
CA PRO B 98 6.70 4.58 -1.45
C PRO B 98 8.13 4.03 -1.52
N ALA B 99 8.30 2.91 -2.21
CA ALA B 99 9.61 2.30 -2.34
C ALA B 99 10.56 3.11 -3.20
N VAL B 100 11.86 2.87 -3.02
CA VAL B 100 12.87 3.57 -3.80
C VAL B 100 12.84 3.01 -5.22
N PRO B 101 12.76 3.90 -6.23
CA PRO B 101 12.73 3.50 -7.63
C PRO B 101 14.09 3.02 -8.13
N ILE B 112 12.17 -6.41 -9.04
CA ILE B 112 10.82 -6.72 -9.52
C ILE B 112 9.77 -6.29 -8.50
N VAL B 113 9.10 -5.18 -8.78
CA VAL B 113 8.06 -4.66 -7.91
C VAL B 113 6.83 -5.55 -7.97
N MSE B 114 6.27 -5.91 -6.82
CA MSE B 114 5.10 -6.77 -6.83
C MSE B 114 4.26 -6.66 -5.57
O MSE B 114 4.72 -6.14 -4.55
CB MSE B 114 5.52 -8.23 -7.01
CG MSE B 114 6.50 -8.73 -5.94
SE MSE B 114 6.54 -10.69 -5.83
CE MSE B 114 4.83 -10.93 -5.00
N THR B 115 3.03 -7.11 -5.67
CA THR B 115 2.15 -7.17 -4.51
C THR B 115 1.72 -8.61 -4.46
N ALA B 116 1.92 -9.21 -3.30
CA ALA B 116 1.61 -10.61 -3.07
C ALA B 116 0.32 -10.75 -2.28
N VAL B 117 -0.57 -11.60 -2.77
CA VAL B 117 -1.84 -11.88 -2.11
C VAL B 117 -1.85 -13.38 -1.86
N ILE B 118 -1.91 -13.76 -0.59
CA ILE B 118 -1.91 -15.17 -0.20
C ILE B 118 -3.19 -15.50 0.53
N GLU B 119 -3.90 -16.52 0.08
CA GLU B 119 -5.14 -16.93 0.72
C GLU B 119 -5.05 -18.38 1.14
N LEU B 120 -5.54 -18.69 2.34
CA LEU B 120 -5.50 -20.05 2.85
C LEU B 120 -6.90 -20.59 3.08
N GLN B 121 -7.08 -21.87 2.79
CA GLN B 121 -8.36 -22.52 2.98
C GLN B 121 -8.13 -23.91 3.55
N PRO B 122 -8.62 -24.15 4.77
CA PRO B 122 -8.44 -25.48 5.37
C PRO B 122 -9.15 -26.57 4.57
N THR B 123 -8.53 -27.73 4.44
CA THR B 123 -9.14 -28.86 3.73
C THR B 123 -9.19 -30.02 4.72
N SER B 124 -9.76 -31.15 4.31
CA SER B 124 -9.86 -32.29 5.20
C SER B 124 -8.49 -32.88 5.54
N SER B 125 -7.57 -32.81 4.58
CA SER B 125 -6.22 -33.35 4.76
C SER B 125 -5.16 -32.32 5.08
N GLY B 126 -5.42 -31.05 4.74
CA GLY B 126 -4.42 -30.04 5.01
C GLY B 126 -4.91 -28.62 4.80
N THR B 127 -4.14 -27.87 4.03
CA THR B 127 -4.48 -26.47 3.75
C THR B 127 -4.25 -26.13 2.28
N ARG B 128 -5.25 -25.52 1.66
CA ARG B 128 -5.17 -25.10 0.28
C ARG B 128 -4.45 -23.75 0.30
N TYR B 129 -3.32 -23.68 -0.42
CA TYR B 129 -2.49 -22.47 -0.49
C TYR B 129 -2.65 -21.83 -1.86
N THR B 130 -3.16 -20.60 -1.88
CA THR B 130 -3.33 -19.90 -3.16
C THR B 130 -2.64 -18.55 -3.06
N ALA B 131 -1.60 -18.35 -3.88
CA ALA B 131 -0.85 -17.10 -3.85
C ALA B 131 -0.78 -16.45 -5.22
N CYS B 132 -0.92 -15.13 -5.25
CA CYS B 132 -0.86 -14.38 -6.49
C CYS B 132 0.16 -13.26 -6.39
N ALA B 133 0.92 -13.06 -7.46
CA ALA B 133 1.91 -12.00 -7.53
C ALA B 133 1.39 -11.02 -8.57
N MSE B 134 1.07 -9.80 -8.14
CA MSE B 134 0.55 -8.78 -9.04
C MSE B 134 1.66 -7.85 -9.52
O MSE B 134 2.43 -7.35 -8.70
CB MSE B 134 -0.49 -7.93 -8.30
CG MSE B 134 -1.60 -8.72 -7.61
SE MSE B 134 -2.64 -7.52 -6.50
CE MSE B 134 -3.65 -6.69 -7.89
N HIS B 135 1.75 -7.63 -10.82
CA HIS B 135 2.78 -6.76 -11.36
C HIS B 135 2.17 -5.50 -11.97
N ASN B 136 3.01 -4.51 -12.27
CA ASN B 136 2.53 -3.27 -12.85
C ASN B 136 2.39 -3.31 -14.36
N THR B 137 3.26 -4.08 -15.01
CA THR B 137 3.24 -4.19 -16.47
C THR B 137 3.54 -5.61 -16.94
N PRO B 138 3.14 -5.93 -18.18
CA PRO B 138 3.38 -7.27 -18.74
C PRO B 138 4.88 -7.59 -18.76
N GLY B 139 5.69 -6.59 -19.10
CA GLY B 139 7.13 -6.78 -19.15
C GLY B 139 7.68 -7.27 -17.82
N GLN B 140 7.23 -6.65 -16.73
CA GLN B 140 7.69 -7.03 -15.41
C GLN B 140 7.17 -8.43 -15.07
N ARG B 141 5.95 -8.73 -15.49
CA ARG B 141 5.38 -10.04 -15.24
C ARG B 141 6.21 -11.13 -15.93
N LYS B 142 6.58 -10.88 -17.18
CA LYS B 142 7.38 -11.85 -17.94
C LYS B 142 8.76 -12.06 -17.32
N LEU B 143 9.40 -10.98 -16.91
CA LEU B 143 10.73 -11.06 -16.30
C LEU B 143 10.69 -11.82 -14.99
N HIS B 144 9.62 -11.64 -14.22
CA HIS B 144 9.50 -12.33 -12.94
C HIS B 144 9.25 -13.82 -13.12
N GLU B 145 8.38 -14.16 -14.08
CA GLU B 145 8.06 -15.55 -14.34
C GLU B 145 9.26 -16.33 -14.86
N GLU B 146 10.05 -15.70 -15.72
CA GLU B 146 11.23 -16.36 -16.28
C GLU B 146 12.25 -16.60 -15.17
N MSE B 147 12.69 -15.52 -14.53
CA MSE B 147 13.68 -15.61 -13.46
C MSE B 147 13.19 -16.58 -12.39
O MSE B 147 13.99 -17.34 -11.83
CB MSE B 147 13.89 -14.22 -12.84
CG MSE B 147 14.38 -13.17 -13.82
SE MSE B 147 14.42 -11.39 -13.06
CE MSE B 147 16.31 -11.27 -12.66
N GLY B 148 11.90 -16.54 -12.11
CA GLY B 148 11.33 -17.43 -11.10
C GLY B 148 11.53 -18.89 -11.45
N PHE B 149 11.31 -19.22 -12.71
CA PHE B 149 11.44 -20.61 -13.17
C PHE B 149 12.90 -21.06 -13.23
N HIS B 150 13.79 -20.16 -13.67
CA HIS B 150 15.20 -20.50 -13.75
C HIS B 150 15.73 -21.00 -12.42
N GLY B 152 11.07 -21.59 -8.79
CA GLY B 152 11.47 -21.05 -7.51
C GLY B 152 10.28 -20.84 -6.58
N TRP B 153 9.25 -20.19 -7.10
CA TRP B 153 8.05 -19.92 -6.31
C TRP B 153 7.46 -21.23 -5.83
N GLY B 154 7.51 -22.25 -6.68
CA GLY B 154 6.98 -23.56 -6.31
C GLY B 154 7.94 -24.30 -5.40
N THR B 155 9.23 -24.08 -5.61
CA THR B 155 10.27 -24.72 -4.82
C THR B 155 10.22 -24.27 -3.36
N THR B 156 9.98 -22.97 -3.16
CA THR B 156 9.91 -22.42 -1.81
C THR B 156 8.74 -23.03 -1.03
N ILE B 157 7.66 -23.32 -1.73
CA ILE B 157 6.48 -23.92 -1.09
C ILE B 157 6.79 -25.34 -0.63
N THR B 158 7.57 -26.06 -1.42
CA THR B 158 7.96 -27.42 -1.06
C THR B 158 8.80 -27.36 0.21
N GLN B 159 9.69 -26.38 0.28
CA GLN B 159 10.54 -26.20 1.45
C GLN B 159 9.69 -25.86 2.67
N LEU B 160 8.64 -25.07 2.46
CA LEU B 160 7.75 -24.68 3.54
C LEU B 160 7.06 -25.91 4.14
N GLU B 161 6.46 -26.72 3.29
CA GLU B 161 5.75 -27.92 3.75
C GLU B 161 6.67 -28.84 4.54
N GLU B 162 7.87 -29.09 4.02
CA GLU B 162 8.82 -29.96 4.69
C GLU B 162 9.23 -29.38 6.05
N LEU B 163 9.39 -28.06 6.11
CA LEU B 163 9.78 -27.39 7.34
C LEU B 163 8.68 -27.52 8.40
N LEU B 164 7.45 -27.28 8.00
CA LEU B 164 6.32 -27.35 8.93
C LEU B 164 6.08 -28.77 9.44
N LYS B 165 6.48 -29.76 8.66
CA LYS B 165 6.32 -31.16 9.08
C LYS B 165 7.27 -31.48 10.23
N GLN B 166 8.31 -30.67 10.38
CA GLN B 166 9.28 -30.86 11.44
C GLN B 166 8.84 -30.16 12.72
N GLU B 167 7.83 -29.32 12.61
CA GLU B 167 7.33 -28.59 13.77
C GLU B 167 6.87 -29.50 14.91
N LYS B 168 6.48 -30.72 14.58
CA LYS B 168 6.05 -31.67 15.60
C LYS B 168 6.97 -32.90 15.61
#